data_6XCI
#
_entry.id   6XCI
#
_cell.length_a   71.168
_cell.length_b   73.789
_cell.length_c   77.654
_cell.angle_alpha   90.000
_cell.angle_beta   90.000
_cell.angle_gamma   90.000
#
_symmetry.space_group_name_H-M   'P 21 21 21'
#
loop_
_entity.id
_entity.type
_entity.pdbx_description
1 polymer BlaNDM-4_1_JQ348841
2 polymer 'Macrocycle NDM1i-3D'
3 non-polymer 'ACETATE ION'
4 non-polymer 'ZINC ION'
5 non-polymer 'CADMIUM ION'
6 water water
#
loop_
_entity_poly.entity_id
_entity_poly.type
_entity_poly.pdbx_seq_one_letter_code
_entity_poly.pdbx_strand_id
1 'polypeptide(L)'
;GSHMMPGEIRPTIGQQMETGDQRFGDLVFRQLAPNVWQHTSYLDMPGFGAVASNGLIVRDGGRVLVVDTAWTDDQTAQIL
NWIKQEINLPVALAVVTHAHQDKMGGMDALHAAGIATYANALSNQLAPQEGMVAAQHSLTFAANGWVEPATAPNFGPLKV
FYPGPGHTSDNITVGIDGTDIAFGGCLIKDSKAKSLGNLGDADTEHYAASARAFGAAFPKASMIVMSHSAPDSRAAITHT
ARMADKLR
;
B,A
2 'polypeptide(D)' (DCY)P(LWI)(HYP)E(DPR)(DLY)(NLE) H
#
# COMPACT_ATOMS: atom_id res chain seq x y z
N GLY A 20 23.39 -14.73 -27.37
CA GLY A 20 21.90 -14.56 -27.55
C GLY A 20 21.43 -13.13 -27.26
N ASP A 21 22.31 -12.23 -26.86
CA ASP A 21 21.91 -10.81 -26.67
C ASP A 21 21.88 -10.13 -28.05
N GLN A 22 20.90 -9.26 -28.27
CA GLN A 22 20.85 -8.38 -29.45
C GLN A 22 21.02 -6.94 -28.99
N ARG A 23 21.93 -6.23 -29.59
CA ARG A 23 22.09 -4.78 -29.32
C ARG A 23 21.19 -4.04 -30.30
N PHE A 24 20.44 -3.06 -29.80
CA PHE A 24 19.59 -2.18 -30.64
C PHE A 24 19.66 -0.78 -30.05
N GLY A 25 20.36 0.10 -30.75
CA GLY A 25 20.90 1.33 -30.17
C GLY A 25 21.68 1.00 -28.91
N ASP A 26 21.34 1.68 -27.83
CA ASP A 26 22.07 1.51 -26.55
C ASP A 26 21.29 0.52 -25.67
N LEU A 27 20.31 -0.19 -26.21
CA LEU A 27 19.58 -1.21 -25.42
C LEU A 27 20.05 -2.62 -25.81
N VAL A 28 19.77 -3.57 -24.93
CA VAL A 28 20.01 -5.01 -25.19
C VAL A 28 18.72 -5.78 -25.05
N PHE A 29 18.46 -6.71 -25.96
CA PHE A 29 17.27 -7.56 -25.93
C PHE A 29 17.70 -9.02 -25.98
N ARG A 30 17.09 -9.83 -25.14
CA ARG A 30 17.45 -11.26 -25.01
C ARG A 30 16.16 -12.05 -25.04
N GLN A 31 16.01 -12.98 -25.97
CA GLN A 31 14.82 -13.87 -25.95
C GLN A 31 14.96 -14.89 -24.82
N LEU A 32 13.95 -15.00 -23.99
CA LEU A 32 13.96 -15.96 -22.87
C LEU A 32 13.09 -17.17 -23.19
N ALA A 33 12.09 -17.03 -24.03
CA ALA A 33 11.09 -18.08 -24.37
C ALA A 33 10.53 -17.70 -25.71
N PRO A 34 9.78 -18.58 -26.41
CA PRO A 34 9.26 -18.24 -27.74
C PRO A 34 8.52 -16.91 -27.82
N ASN A 35 7.80 -16.55 -26.77
CA ASN A 35 7.00 -15.30 -26.78
C ASN A 35 7.48 -14.32 -25.70
N VAL A 36 8.69 -14.45 -25.17
CA VAL A 36 9.16 -13.58 -24.05
C VAL A 36 10.58 -13.09 -24.28
N TRP A 37 10.79 -11.78 -24.17
CA TRP A 37 12.13 -11.16 -24.26
C TRP A 37 12.39 -10.34 -23.01
N GLN A 38 13.66 -10.23 -22.66
CA GLN A 38 14.11 -9.29 -21.62
C GLN A 38 14.64 -8.07 -22.33
N HIS A 39 14.19 -6.87 -21.95
CA HIS A 39 14.78 -5.61 -22.39
C HIS A 39 15.73 -5.11 -21.31
N THR A 40 16.87 -4.56 -21.74
CA THR A 40 17.88 -4.01 -20.83
C THR A 40 18.28 -2.61 -21.28
N SER A 41 18.28 -1.68 -20.34
CA SER A 41 18.70 -0.29 -20.59
C SER A 41 19.69 0.12 -19.52
N TYR A 42 20.52 1.11 -19.81
CA TYR A 42 21.65 1.48 -18.90
C TYR A 42 21.56 2.94 -18.50
N LEU A 43 21.89 3.23 -17.26
CA LEU A 43 22.07 4.65 -16.88
C LEU A 43 23.43 4.80 -16.22
N ASP A 44 24.19 5.79 -16.65
CA ASP A 44 25.41 6.24 -15.91
C ASP A 44 25.00 6.95 -14.62
N GLY A 49 28.87 3.70 -11.58
CA GLY A 49 29.08 3.35 -13.00
C GLY A 49 27.74 3.19 -13.71
N ALA A 50 27.76 2.54 -14.87
CA ALA A 50 26.60 2.25 -15.75
C ALA A 50 25.78 1.11 -15.11
N VAL A 51 24.48 1.31 -14.90
CA VAL A 51 23.64 0.33 -14.18
C VAL A 51 22.62 -0.18 -15.19
N ALA A 52 22.56 -1.48 -15.35
CA ALA A 52 21.56 -2.16 -16.20
C ALA A 52 20.26 -2.19 -15.41
N SER A 53 19.16 -2.05 -16.12
CA SER A 53 17.80 -2.33 -15.61
C SER A 53 17.08 -3.19 -16.64
N ASN A 54 16.48 -4.26 -16.17
CA ASN A 54 15.71 -5.22 -17.01
C ASN A 54 14.22 -5.11 -16.84
N GLY A 55 13.52 -5.27 -17.94
CA GLY A 55 12.08 -5.54 -17.98
C GLY A 55 11.76 -6.62 -18.97
N LEU A 56 10.49 -6.79 -19.29
CA LEU A 56 10.03 -7.90 -20.14
C LEU A 56 9.13 -7.39 -21.26
N ILE A 57 9.17 -8.13 -22.37
CA ILE A 57 8.28 -7.94 -23.53
C ILE A 57 7.63 -9.30 -23.78
N VAL A 58 6.31 -9.31 -23.89
CA VAL A 58 5.56 -10.57 -24.07
C VAL A 58 4.70 -10.43 -25.32
N ARG A 59 4.82 -11.41 -26.21
CA ARG A 59 3.91 -11.53 -27.37
C ARG A 59 2.74 -12.43 -26.94
N ASP A 60 1.53 -11.92 -27.07
CA ASP A 60 0.28 -12.60 -26.68
C ASP A 60 -0.65 -12.58 -27.87
N GLY A 61 -0.57 -13.60 -28.73
CA GLY A 61 -1.32 -13.60 -29.99
C GLY A 61 -0.97 -12.39 -30.84
N GLY A 62 -1.93 -11.52 -31.10
CA GLY A 62 -1.75 -10.41 -32.05
C GLY A 62 -1.33 -9.13 -31.35
N ARG A 63 -0.92 -9.21 -30.08
CA ARG A 63 -0.48 -7.97 -29.40
C ARG A 63 0.75 -8.23 -28.53
N VAL A 64 1.34 -7.14 -28.10
CA VAL A 64 2.55 -7.15 -27.26
C VAL A 64 2.24 -6.45 -25.95
N LEU A 65 2.75 -7.03 -24.88
CA LEU A 65 2.58 -6.46 -23.52
C LEU A 65 3.98 -6.19 -22.99
N VAL A 66 4.14 -5.06 -22.32
CA VAL A 66 5.46 -4.64 -21.77
C VAL A 66 5.42 -4.60 -20.26
N VAL A 67 6.47 -5.07 -19.62
CA VAL A 67 6.65 -4.95 -18.17
C VAL A 67 7.86 -4.05 -17.94
N ASP A 68 7.60 -2.89 -17.36
CA ASP A 68 8.58 -1.85 -16.96
C ASP A 68 9.08 -1.05 -18.16
N THR A 69 9.29 0.24 -17.91
CA THR A 69 9.93 1.11 -18.90
C THR A 69 11.44 0.88 -18.80
N ALA A 70 12.18 1.53 -19.66
CA ALA A 70 13.62 1.76 -19.46
C ALA A 70 13.83 2.94 -18.51
N TRP A 71 15.07 3.29 -18.25
CA TRP A 71 15.37 4.44 -17.38
C TRP A 71 14.82 5.74 -17.94
N THR A 72 14.85 5.93 -19.25
CA THR A 72 14.48 7.22 -19.86
C THR A 72 13.38 7.08 -20.89
N ASP A 73 12.78 8.20 -21.22
CA ASP A 73 11.83 8.26 -22.36
C ASP A 73 12.51 7.84 -23.67
N ASP A 74 13.68 8.41 -23.98
CA ASP A 74 14.36 8.10 -25.26
C ASP A 74 14.63 6.59 -25.33
N GLN A 75 15.03 5.96 -24.21
CA GLN A 75 15.34 4.52 -24.21
C GLN A 75 14.04 3.75 -24.41
N THR A 76 12.98 4.21 -23.77
CA THR A 76 11.68 3.52 -23.85
C THR A 76 11.13 3.60 -25.28
N ALA A 77 11.33 4.72 -25.95
CA ALA A 77 10.94 4.86 -27.37
C ALA A 77 11.68 3.80 -28.20
N GLN A 78 12.95 3.56 -27.87
CA GLN A 78 13.74 2.52 -28.60
C GLN A 78 13.21 1.12 -28.31
N ILE A 79 12.67 0.85 -27.12
CA ILE A 79 11.94 -0.42 -26.89
C ILE A 79 10.82 -0.53 -27.91
N LEU A 80 10.02 0.50 -28.07
CA LEU A 80 8.87 0.46 -29.00
C LEU A 80 9.37 0.22 -30.44
N ASN A 81 10.48 0.87 -30.80
CA ASN A 81 11.10 0.69 -32.14
C ASN A 81 11.51 -0.77 -32.33
N TRP A 82 12.21 -1.33 -31.35
CA TRP A 82 12.65 -2.73 -31.40
C TRP A 82 11.44 -3.64 -31.57
N ILE A 83 10.38 -3.42 -30.80
CA ILE A 83 9.16 -4.26 -30.94
C ILE A 83 8.65 -4.17 -32.37
N LYS A 84 8.56 -2.97 -32.94
CA LYS A 84 8.05 -2.79 -34.33
CA LYS A 84 8.02 -2.83 -34.31
C LYS A 84 8.88 -3.65 -35.28
N GLN A 85 10.19 -3.59 -35.12
CA GLN A 85 11.13 -4.30 -36.03
C GLN A 85 11.03 -5.80 -35.85
N GLU A 86 11.11 -6.29 -34.62
CA GLU A 86 11.37 -7.72 -34.36
C GLU A 86 10.05 -8.49 -34.22
N ILE A 87 8.98 -7.83 -33.80
CA ILE A 87 7.67 -8.49 -33.54
C ILE A 87 6.62 -7.96 -34.51
N ASN A 88 6.55 -6.64 -34.70
CA ASN A 88 5.60 -5.98 -35.63
C ASN A 88 4.18 -6.32 -35.23
N LEU A 89 3.86 -6.19 -33.95
CA LEU A 89 2.51 -6.29 -33.39
C LEU A 89 2.31 -5.07 -32.51
N PRO A 90 1.08 -4.55 -32.42
CA PRO A 90 0.82 -3.41 -31.57
C PRO A 90 1.03 -3.72 -30.09
N VAL A 91 1.52 -2.71 -29.37
CA VAL A 91 1.68 -2.79 -27.90
C VAL A 91 0.34 -2.41 -27.28
N ALA A 92 -0.30 -3.38 -26.64
CA ALA A 92 -1.65 -3.21 -26.09
C ALA A 92 -1.56 -2.51 -24.73
N LEU A 93 -0.54 -2.78 -23.92
CA LEU A 93 -0.46 -2.17 -22.58
C LEU A 93 0.93 -2.37 -22.03
N ALA A 94 1.23 -1.60 -21.03
CA ALA A 94 2.48 -1.76 -20.24
C ALA A 94 2.09 -1.74 -18.78
N VAL A 95 2.77 -2.54 -17.99
CA VAL A 95 2.62 -2.49 -16.51
CA VAL A 95 2.62 -2.48 -16.50
C VAL A 95 4.00 -2.17 -15.94
N VAL A 96 4.03 -1.30 -14.96
CA VAL A 96 5.30 -0.89 -14.32
C VAL A 96 5.28 -1.31 -12.86
N THR A 97 6.42 -1.74 -12.35
CA THR A 97 6.43 -2.56 -11.13
C THR A 97 6.69 -1.74 -9.86
N HIS A 98 7.09 -0.48 -9.96
CA HIS A 98 7.04 0.49 -8.83
C HIS A 98 7.49 1.87 -9.33
N ALA A 99 7.29 2.88 -8.48
CA ALA A 99 7.58 4.28 -8.81
C ALA A 99 9.05 4.61 -8.55
N HIS A 100 9.97 4.06 -9.34
CA HIS A 100 11.38 4.50 -9.36
C HIS A 100 11.77 4.66 -10.84
N GLN A 101 12.86 5.37 -11.09
CA GLN A 101 13.26 5.75 -12.45
C GLN A 101 13.57 4.54 -13.35
N ASP A 102 14.11 3.47 -12.80
CA ASP A 102 14.49 2.31 -13.63
C ASP A 102 13.22 1.64 -14.18
N LYS A 103 12.09 1.75 -13.50
CA LYS A 103 10.86 1.03 -13.86
C LYS A 103 9.83 1.97 -14.52
N MET A 104 9.85 3.27 -14.21
CA MET A 104 8.80 4.21 -14.64
C MET A 104 9.40 5.45 -15.29
N GLY A 105 10.70 5.50 -15.51
CA GLY A 105 11.37 6.70 -16.04
C GLY A 105 10.95 7.00 -17.47
N GLY A 106 10.35 6.05 -18.17
CA GLY A 106 9.96 6.18 -19.59
C GLY A 106 8.48 6.27 -19.84
N MET A 107 7.69 6.67 -18.84
CA MET A 107 6.20 6.67 -18.96
CA MET A 107 6.21 6.66 -18.96
C MET A 107 5.79 7.59 -20.12
N ASP A 108 6.46 8.73 -20.26
CA ASP A 108 6.05 9.70 -21.31
C ASP A 108 6.15 9.04 -22.69
N ALA A 109 7.15 8.21 -22.97
CA ALA A 109 7.25 7.57 -24.31
C ALA A 109 6.02 6.68 -24.54
N LEU A 110 5.58 5.95 -23.51
CA LEU A 110 4.39 5.10 -23.66
C LEU A 110 3.15 5.96 -23.90
N HIS A 111 2.96 7.01 -23.10
CA HIS A 111 1.78 7.89 -23.23
C HIS A 111 1.81 8.62 -24.58
N ALA A 112 2.98 9.05 -25.03
CA ALA A 112 3.12 9.75 -26.34
C ALA A 112 2.65 8.82 -27.45
N ALA A 113 2.84 7.51 -27.27
CA ALA A 113 2.51 6.48 -28.27
C ALA A 113 1.08 5.96 -28.11
N GLY A 114 0.30 6.47 -27.15
CA GLY A 114 -1.09 6.02 -27.00
C GLY A 114 -1.22 4.67 -26.32
N ILE A 115 -0.19 4.22 -25.60
CA ILE A 115 -0.20 2.90 -24.93
C ILE A 115 -0.82 3.02 -23.56
N ALA A 116 -1.79 2.16 -23.24
CA ALA A 116 -2.45 2.11 -21.93
C ALA A 116 -1.43 1.65 -20.89
N THR A 117 -1.31 2.39 -19.79
CA THR A 117 -0.30 2.08 -18.77
C THR A 117 -0.97 1.77 -17.43
N TYR A 118 -0.38 0.83 -16.71
CA TYR A 118 -0.96 0.28 -15.46
C TYR A 118 0.12 0.24 -14.40
N ALA A 119 -0.22 0.63 -13.19
CA ALA A 119 0.66 0.43 -12.03
C ALA A 119 -0.20 0.18 -10.81
N ASN A 120 0.41 -0.34 -9.79
CA ASN A 120 -0.18 -0.36 -8.44
C ASN A 120 -0.75 1.04 -8.16
N ALA A 121 -1.97 1.14 -7.64
CA ALA A 121 -2.54 2.44 -7.22
C ALA A 121 -1.49 3.20 -6.40
N LEU A 122 -0.84 2.53 -5.45
CA LEU A 122 0.15 3.23 -4.60
C LEU A 122 1.32 3.76 -5.44
N SER A 123 1.76 3.05 -6.47
CA SER A 123 2.82 3.57 -7.38
C SER A 123 2.35 4.90 -7.98
N ASN A 124 1.10 4.95 -8.44
CA ASN A 124 0.56 6.17 -9.08
C ASN A 124 0.46 7.29 -8.03
N GLN A 125 0.09 6.94 -6.81
CA GLN A 125 -0.04 7.96 -5.73
C GLN A 125 1.34 8.51 -5.39
N LEU A 126 2.36 7.64 -5.33
CA LEU A 126 3.76 8.03 -4.98
C LEU A 126 4.47 8.71 -6.17
N ALA A 127 4.03 8.50 -7.40
CA ALA A 127 4.79 8.91 -8.61
C ALA A 127 5.24 10.38 -8.52
N PRO A 128 4.39 11.36 -8.22
CA PRO A 128 4.85 12.75 -8.17
C PRO A 128 5.98 12.99 -7.17
N GLN A 129 5.89 12.38 -5.99
CA GLN A 129 6.95 12.52 -4.97
C GLN A 129 8.24 11.83 -5.39
N GLU A 130 8.14 10.81 -6.23
CA GLU A 130 9.29 10.05 -6.73
C GLU A 130 9.79 10.64 -8.05
N GLY A 131 9.20 11.72 -8.53
CA GLY A 131 9.66 12.35 -9.77
C GLY A 131 9.25 11.57 -11.01
N MET A 132 8.27 10.73 -10.90
CA MET A 132 7.76 9.90 -12.01
C MET A 132 6.40 10.43 -12.50
N VAL A 133 6.06 10.10 -13.73
CA VAL A 133 4.74 10.33 -14.32
C VAL A 133 3.87 9.13 -13.94
N ALA A 134 2.71 9.37 -13.37
CA ALA A 134 1.78 8.28 -13.02
C ALA A 134 1.31 7.56 -14.27
N ALA A 135 1.03 6.28 -14.14
CA ALA A 135 0.34 5.48 -15.15
C ALA A 135 -1.11 5.95 -15.27
N GLN A 136 -1.74 5.57 -16.36
CA GLN A 136 -3.14 5.98 -16.64
C GLN A 136 -4.11 5.20 -15.78
N HIS A 137 -3.76 3.99 -15.37
CA HIS A 137 -4.69 3.10 -14.68
C HIS A 137 -4.03 2.52 -13.44
N SER A 138 -4.84 2.26 -12.44
CA SER A 138 -4.40 1.75 -11.12
C SER A 138 -4.86 0.33 -10.87
N LEU A 139 -3.91 -0.54 -10.54
CA LEU A 139 -4.18 -1.90 -10.04
C LEU A 139 -4.48 -1.87 -8.55
N THR A 140 -5.39 -2.72 -8.11
CA THR A 140 -5.68 -3.00 -6.70
C THR A 140 -5.53 -4.49 -6.47
N PHE A 141 -5.41 -4.84 -5.20
CA PHE A 141 -4.99 -6.19 -4.78
C PHE A 141 -5.90 -6.68 -3.68
N ALA A 142 -6.15 -7.97 -3.71
CA ALA A 142 -6.78 -8.69 -2.59
C ALA A 142 -5.84 -8.75 -1.38
N ALA A 143 -6.38 -9.14 -0.22
CA ALA A 143 -5.56 -9.27 1.00
C ALA A 143 -4.50 -10.36 0.85
N ASN A 144 -4.67 -11.27 -0.08
CA ASN A 144 -3.70 -12.38 -0.33
C ASN A 144 -2.66 -11.97 -1.38
N GLY A 145 -2.70 -10.73 -1.86
CA GLY A 145 -1.66 -10.20 -2.78
C GLY A 145 -2.05 -10.30 -4.23
N TRP A 146 -3.02 -11.15 -4.62
CA TRP A 146 -3.37 -11.25 -6.06
C TRP A 146 -4.11 -10.00 -6.55
N VAL A 147 -3.79 -9.60 -7.77
CA VAL A 147 -4.45 -8.43 -8.37
C VAL A 147 -5.95 -8.70 -8.44
N GLU A 148 -6.74 -7.67 -8.22
CA GLU A 148 -8.20 -7.73 -8.47
C GLU A 148 -8.38 -7.74 -9.97
N PRO A 149 -8.95 -8.81 -10.56
CA PRO A 149 -8.93 -8.95 -12.03
C PRO A 149 -9.68 -7.85 -12.78
N ALA A 150 -10.67 -7.20 -12.16
CA ALA A 150 -11.38 -6.06 -12.79
C ALA A 150 -10.42 -4.91 -13.04
N THR A 151 -9.33 -4.82 -12.28
CA THR A 151 -8.39 -3.70 -12.41
C THR A 151 -7.24 -4.06 -13.37
N ALA A 152 -7.22 -5.27 -13.90
CA ALA A 152 -6.14 -5.73 -14.82
C ALA A 152 -6.78 -6.25 -16.11
N PRO A 153 -7.49 -5.38 -16.84
CA PRO A 153 -8.27 -5.80 -18.01
C PRO A 153 -7.35 -6.33 -19.12
N ASN A 154 -7.69 -7.52 -19.60
CA ASN A 154 -7.02 -8.11 -20.77
C ASN A 154 -5.51 -8.21 -20.52
N PHE A 155 -5.11 -8.60 -19.30
CA PHE A 155 -3.66 -8.76 -19.02
C PHE A 155 -3.13 -10.07 -19.65
N GLY A 156 -3.99 -10.93 -20.18
CA GLY A 156 -3.51 -12.09 -20.95
C GLY A 156 -2.67 -12.93 -20.01
N PRO A 157 -1.42 -13.26 -20.40
CA PRO A 157 -0.58 -14.08 -19.56
C PRO A 157 0.05 -13.37 -18.37
N LEU A 158 -0.10 -12.06 -18.24
CA LEU A 158 0.56 -11.35 -17.11
C LEU A 158 -0.25 -11.57 -15.86
N LYS A 159 0.32 -12.25 -14.87
CA LYS A 159 -0.35 -12.59 -13.60
CA LYS A 159 -0.34 -12.58 -13.59
C LYS A 159 0.30 -11.72 -12.50
N VAL A 160 -0.39 -10.68 -12.08
CA VAL A 160 0.24 -9.65 -11.23
C VAL A 160 -0.03 -9.98 -9.76
N PHE A 161 1.04 -9.93 -8.97
CA PHE A 161 1.00 -10.27 -7.54
C PHE A 161 1.73 -9.18 -6.75
N TYR A 162 1.05 -8.66 -5.75
CA TYR A 162 1.65 -7.70 -4.77
C TYR A 162 2.13 -8.51 -3.59
N PRO A 163 3.45 -8.63 -3.39
CA PRO A 163 3.97 -9.56 -2.38
C PRO A 163 4.03 -8.97 -0.99
N GLY A 164 3.78 -7.67 -0.87
CA GLY A 164 3.97 -6.90 0.36
C GLY A 164 5.16 -5.97 0.20
N PRO A 165 5.31 -5.06 1.15
CA PRO A 165 6.40 -4.08 1.08
C PRO A 165 7.75 -4.76 1.19
N GLY A 166 8.70 -4.26 0.40
CA GLY A 166 10.06 -4.80 0.44
C GLY A 166 11.04 -3.78 -0.08
N HIS A 167 11.41 -3.91 -1.34
CA HIS A 167 12.26 -2.91 -2.01
C HIS A 167 11.63 -1.53 -1.88
N THR A 168 10.33 -1.48 -2.10
CA THR A 168 9.46 -0.33 -1.83
C THR A 168 8.14 -0.80 -1.28
N SER A 169 7.31 0.11 -0.78
CA SER A 169 5.98 -0.26 -0.29
CA SER A 169 5.98 -0.26 -0.29
C SER A 169 5.09 -0.66 -1.48
N ASP A 170 5.38 -0.16 -2.69
CA ASP A 170 4.46 -0.31 -3.84
C ASP A 170 4.91 -1.42 -4.80
N ASN A 171 6.05 -2.07 -4.56
CA ASN A 171 6.59 -3.06 -5.53
C ASN A 171 5.59 -4.17 -5.85
N ILE A 172 5.46 -4.45 -7.14
CA ILE A 172 4.62 -5.59 -7.61
C ILE A 172 5.50 -6.52 -8.42
N THR A 173 4.97 -7.71 -8.64
CA THR A 173 5.68 -8.79 -9.35
C THR A 173 4.76 -9.36 -10.40
N VAL A 174 5.33 -10.05 -11.38
CA VAL A 174 4.50 -10.51 -12.53
C VAL A 174 4.96 -11.89 -12.92
N GLY A 175 4.03 -12.83 -12.96
CA GLY A 175 4.28 -14.15 -13.55
C GLY A 175 3.85 -14.15 -14.99
N ILE A 176 4.54 -14.92 -15.82
CA ILE A 176 4.18 -15.01 -17.26
C ILE A 176 3.53 -16.38 -17.45
N ASP A 177 2.21 -16.39 -17.44
CA ASP A 177 1.44 -17.63 -17.62
C ASP A 177 1.84 -18.27 -18.94
N GLY A 178 1.85 -19.60 -18.93
CA GLY A 178 2.20 -20.44 -20.09
C GLY A 178 3.69 -20.61 -20.20
N THR A 179 4.47 -20.12 -19.21
CA THR A 179 5.96 -20.16 -19.25
C THR A 179 6.41 -20.55 -17.84
N ASP A 180 7.70 -20.73 -17.68
CA ASP A 180 8.32 -20.99 -16.37
C ASP A 180 8.93 -19.71 -15.81
N ILE A 181 8.53 -18.54 -16.32
CA ILE A 181 9.16 -17.25 -15.95
C ILE A 181 8.32 -16.51 -14.92
N ALA A 182 8.97 -15.95 -13.93
CA ALA A 182 8.32 -14.95 -13.06
C ALA A 182 9.29 -13.81 -12.88
N PHE A 183 8.75 -12.61 -12.81
CA PHE A 183 9.55 -11.37 -12.71
C PHE A 183 9.39 -10.81 -11.32
N GLY A 184 10.50 -10.73 -10.60
CA GLY A 184 10.51 -10.17 -9.24
C GLY A 184 10.90 -8.71 -9.20
N GLY A 185 11.22 -8.09 -10.33
CA GLY A 185 11.63 -6.69 -10.36
C GLY A 185 12.79 -6.46 -9.43
N CYS A 186 12.72 -5.38 -8.68
CA CYS A 186 13.82 -4.96 -7.78
C CYS A 186 13.68 -5.64 -6.43
N LEU A 187 12.60 -6.37 -6.18
CA LEU A 187 12.46 -7.08 -4.89
C LEU A 187 13.48 -8.19 -4.77
N ILE A 188 13.69 -8.91 -5.85
CA ILE A 188 14.56 -10.13 -5.88
C ILE A 188 15.91 -9.76 -6.47
N LYS A 189 16.97 -10.18 -5.78
CA LYS A 189 18.36 -10.07 -6.26
C LYS A 189 18.90 -11.47 -6.55
N ASP A 190 19.97 -11.57 -7.31
CA ASP A 190 20.38 -12.91 -7.72
C ASP A 190 21.11 -13.59 -6.56
N SER A 191 21.36 -14.89 -6.73
CA SER A 191 21.86 -15.73 -5.62
C SER A 191 23.30 -15.36 -5.27
N LYS A 192 23.98 -14.58 -6.10
CA LYS A 192 25.38 -14.14 -5.84
C LYS A 192 25.40 -12.74 -5.25
N ALA A 193 24.25 -12.13 -5.00
CA ALA A 193 24.22 -10.72 -4.54
C ALA A 193 24.86 -10.61 -3.14
N LYS A 194 25.60 -9.53 -2.90
CA LYS A 194 26.21 -9.27 -1.58
C LYS A 194 25.34 -8.27 -0.83
N SER A 195 24.36 -7.66 -1.49
CA SER A 195 23.46 -6.72 -0.80
C SER A 195 22.11 -6.71 -1.51
N LEU A 196 21.12 -6.18 -0.80
CA LEU A 196 19.76 -6.00 -1.37
C LEU A 196 19.63 -4.59 -1.93
N GLY A 197 20.71 -3.80 -2.04
CA GLY A 197 20.53 -2.38 -2.45
C GLY A 197 19.83 -2.36 -3.81
N ASN A 198 19.08 -1.28 -4.10
CA ASN A 198 18.95 -0.05 -3.33
C ASN A 198 17.84 -0.15 -2.26
N LEU A 199 18.16 0.02 -0.98
CA LEU A 199 17.24 -0.08 0.16
C LEU A 199 16.75 1.28 0.66
N GLY A 200 17.03 2.36 -0.08
CA GLY A 200 16.67 3.73 0.29
C GLY A 200 15.20 3.91 0.63
N ASP A 201 14.32 3.19 -0.05
CA ASP A 201 12.86 3.29 0.13
C ASP A 201 12.29 1.98 0.66
N ALA A 202 13.12 1.13 1.22
CA ALA A 202 12.74 -0.25 1.57
C ALA A 202 12.02 -0.32 2.90
N ASP A 203 11.23 -1.36 3.03
CA ASP A 203 10.57 -1.77 4.29
C ASP A 203 11.40 -2.92 4.81
N THR A 204 12.32 -2.66 5.73
CA THR A 204 13.25 -3.69 6.19
C THR A 204 12.55 -4.71 7.08
N GLU A 205 11.43 -4.36 7.71
CA GLU A 205 10.72 -5.33 8.57
C GLU A 205 10.09 -6.40 7.70
N HIS A 206 9.40 -6.03 6.62
CA HIS A 206 8.52 -6.94 5.89
C HIS A 206 9.18 -7.54 4.67
N TYR A 207 10.39 -7.08 4.35
CA TYR A 207 11.09 -7.47 3.09
C TYR A 207 11.16 -9.00 2.95
N ALA A 208 11.61 -9.67 4.02
CA ALA A 208 11.81 -11.13 3.96
C ALA A 208 10.52 -11.85 3.63
N ALA A 209 9.44 -11.51 4.31
CA ALA A 209 8.14 -12.17 4.09
C ALA A 209 7.65 -11.87 2.66
N SER A 210 7.92 -10.68 2.18
CA SER A 210 7.48 -10.28 0.82
C SER A 210 8.25 -11.09 -0.21
N ALA A 211 9.53 -11.24 -0.05
CA ALA A 211 10.31 -12.12 -0.97
C ALA A 211 9.74 -13.54 -0.93
N ARG A 212 9.51 -14.11 0.25
CA ARG A 212 8.98 -15.48 0.35
C ARG A 212 7.58 -15.55 -0.29
N ALA A 213 6.76 -14.51 -0.15
CA ALA A 213 5.40 -14.46 -0.72
C ALA A 213 5.48 -14.55 -2.24
N PHE A 214 6.43 -13.86 -2.84
CA PHE A 214 6.65 -13.93 -4.28
C PHE A 214 6.97 -15.38 -4.70
N GLY A 215 7.83 -16.05 -3.93
CA GLY A 215 8.18 -17.45 -4.25
C GLY A 215 6.94 -18.34 -4.14
N ALA A 216 6.10 -18.13 -3.13
CA ALA A 216 4.89 -18.98 -2.90
C ALA A 216 3.82 -18.67 -3.95
N ALA A 217 3.79 -17.44 -4.48
CA ALA A 217 2.79 -17.02 -5.47
C ALA A 217 3.04 -17.71 -6.81
N PHE A 218 4.31 -17.96 -7.13
CA PHE A 218 4.72 -18.52 -8.44
C PHE A 218 5.56 -19.76 -8.13
N PRO A 219 4.96 -20.80 -7.53
CA PRO A 219 5.75 -21.86 -6.91
C PRO A 219 6.44 -22.77 -7.91
N LYS A 220 6.03 -22.72 -9.17
CA LYS A 220 6.64 -23.59 -10.19
C LYS A 220 7.51 -22.79 -11.14
N ALA A 221 7.62 -21.47 -11.03
CA ALA A 221 8.54 -20.69 -11.88
C ALA A 221 9.97 -21.19 -11.66
N SER A 222 10.71 -21.44 -12.73
CA SER A 222 12.12 -21.90 -12.63
C SER A 222 13.09 -20.82 -13.12
N MET A 223 12.60 -19.83 -13.87
CA MET A 223 13.42 -18.72 -14.40
C MET A 223 12.93 -17.46 -13.69
N ILE A 224 13.77 -16.94 -12.83
CA ILE A 224 13.39 -15.73 -12.04
C ILE A 224 14.12 -14.56 -12.67
N VAL A 225 13.35 -13.67 -13.30
CA VAL A 225 13.86 -12.45 -13.98
C VAL A 225 13.82 -11.33 -12.95
N MET A 226 14.85 -10.50 -12.97
CA MET A 226 14.92 -9.43 -11.95
C MET A 226 15.54 -8.19 -12.58
N SER A 227 15.43 -7.06 -11.89
CA SER A 227 15.79 -5.77 -12.50
C SER A 227 17.28 -5.64 -12.80
N HIS A 228 18.18 -6.16 -11.96
CA HIS A 228 19.59 -5.75 -12.05
C HIS A 228 20.53 -6.94 -12.14
N SER A 229 20.06 -8.10 -12.55
CA SER A 229 20.89 -9.33 -12.70
C SER A 229 20.31 -10.09 -13.86
N ALA A 230 21.11 -10.95 -14.46
CA ALA A 230 20.63 -11.89 -15.49
C ALA A 230 19.65 -12.84 -14.78
N PRO A 231 18.76 -13.51 -15.54
CA PRO A 231 17.88 -14.47 -14.91
C PRO A 231 18.58 -15.53 -14.10
N ASP A 232 17.94 -15.95 -13.03
CA ASP A 232 18.52 -16.91 -12.06
C ASP A 232 17.48 -17.96 -11.78
N SER A 233 17.91 -18.97 -11.04
CA SER A 233 17.00 -20.01 -10.56
C SER A 233 16.25 -19.52 -9.33
N ARG A 234 15.46 -20.41 -8.76
CA ARG A 234 14.65 -20.06 -7.56
C ARG A 234 15.55 -19.75 -6.36
N ALA A 235 16.81 -20.17 -6.36
CA ALA A 235 17.77 -19.82 -5.29
C ALA A 235 17.82 -18.29 -5.09
N ALA A 236 17.59 -17.48 -6.11
CA ALA A 236 17.57 -16.00 -5.99
C ALA A 236 16.54 -15.63 -4.92
N ILE A 237 15.39 -16.29 -4.95
CA ILE A 237 14.28 -15.91 -4.04
C ILE A 237 14.72 -16.23 -2.62
N THR A 238 15.15 -17.47 -2.37
CA THR A 238 15.53 -17.91 -1.02
C THR A 238 16.73 -17.11 -0.52
N HIS A 239 17.73 -16.87 -1.38
CA HIS A 239 18.91 -16.09 -0.99
C HIS A 239 18.51 -14.66 -0.62
N THR A 240 17.63 -14.06 -1.42
CA THR A 240 17.15 -12.69 -1.14
C THR A 240 16.44 -12.70 0.22
N ALA A 241 15.54 -13.64 0.45
CA ALA A 241 14.78 -13.73 1.72
C ALA A 241 15.74 -13.88 2.90
N ARG A 242 16.80 -14.67 2.73
CA ARG A 242 17.76 -14.87 3.82
C ARG A 242 18.57 -13.61 4.08
N MET A 243 18.94 -12.83 3.05
CA MET A 243 19.65 -11.56 3.29
C MET A 243 18.66 -10.64 4.00
N ALA A 244 17.39 -10.66 3.59
CA ALA A 244 16.37 -9.76 4.15
C ALA A 244 16.13 -10.10 5.63
N ASP A 245 16.27 -11.34 5.99
CA ASP A 245 16.10 -11.78 7.40
C ASP A 245 17.11 -11.04 8.29
N LYS A 246 18.28 -10.71 7.78
CA LYS A 246 19.38 -10.03 8.51
C LYS A 246 19.08 -8.55 8.70
N LEU A 247 18.09 -7.99 8.01
CA LEU A 247 17.73 -6.56 8.22
C LEU A 247 16.87 -6.50 9.48
N GLY B 20 -17.86 16.02 31.34
CA GLY B 20 -18.98 15.28 30.67
C GLY B 20 -18.55 13.91 30.12
N ASP B 21 -17.31 13.49 30.36
CA ASP B 21 -16.79 12.20 29.83
C ASP B 21 -17.45 11.05 30.58
N GLN B 22 -17.70 9.95 29.89
CA GLN B 22 -18.41 8.80 30.49
C GLN B 22 -17.42 7.65 30.62
N ARG B 23 -17.58 6.83 31.66
CA ARG B 23 -16.71 5.67 31.87
C ARG B 23 -17.56 4.40 31.81
N PHE B 24 -17.08 3.40 31.10
CA PHE B 24 -17.67 2.05 31.08
C PHE B 24 -16.52 1.05 31.19
N GLY B 25 -16.37 0.45 32.36
CA GLY B 25 -15.25 -0.47 32.57
C GLY B 25 -13.94 0.32 32.48
N ASP B 26 -13.08 -0.09 31.56
CA ASP B 26 -11.73 0.53 31.40
C ASP B 26 -11.79 1.62 30.32
N LEU B 27 -12.94 1.84 29.68
CA LEU B 27 -13.12 2.72 28.50
C LEU B 27 -13.68 4.07 28.94
N VAL B 28 -13.28 5.11 28.20
CA VAL B 28 -13.80 6.49 28.37
C VAL B 28 -14.42 6.93 27.04
N PHE B 29 -15.55 7.61 27.12
CA PHE B 29 -16.29 8.09 25.94
C PHE B 29 -16.51 9.60 26.11
N ARG B 30 -16.27 10.31 25.02
CA ARG B 30 -16.51 11.77 24.96
C ARG B 30 -17.38 12.04 23.74
N GLN B 31 -18.50 12.74 23.90
CA GLN B 31 -19.34 13.08 22.75
C GLN B 31 -18.71 14.28 22.06
N LEU B 32 -18.47 14.16 20.76
CA LEU B 32 -17.84 15.25 19.99
C LEU B 32 -18.88 16.02 19.19
N ALA B 33 -19.96 15.38 18.80
CA ALA B 33 -21.03 15.95 17.98
C ALA B 33 -22.30 15.18 18.33
N PRO B 34 -23.49 15.64 17.89
CA PRO B 34 -24.73 14.92 18.17
C PRO B 34 -24.66 13.42 17.91
N ASN B 35 -23.96 13.02 16.86
CA ASN B 35 -23.94 11.59 16.45
C ASN B 35 -22.54 11.01 16.45
N VAL B 36 -21.61 11.60 17.17
CA VAL B 36 -20.19 11.14 17.14
C VAL B 36 -19.60 11.18 18.56
N TRP B 37 -19.01 10.05 18.95
CA TRP B 37 -18.27 9.93 20.21
C TRP B 37 -16.86 9.46 19.95
N GLN B 38 -15.94 9.93 20.76
CA GLN B 38 -14.59 9.35 20.82
C GLN B 38 -14.54 8.25 21.87
N HIS B 39 -14.04 7.06 21.51
CA HIS B 39 -13.69 6.03 22.50
C HIS B 39 -12.21 6.11 22.82
N THR B 40 -11.88 5.95 24.09
CA THR B 40 -10.51 5.97 24.58
C THR B 40 -10.26 4.73 25.45
N SER B 41 -9.23 3.98 25.05
CA SER B 41 -8.78 2.80 25.78
C SER B 41 -7.31 2.98 26.16
N TYR B 42 -6.86 2.24 27.17
CA TYR B 42 -5.51 2.45 27.72
C TYR B 42 -4.74 1.13 27.76
N LEU B 43 -3.46 1.17 27.41
CA LEU B 43 -2.61 -0.01 27.60
C LEU B 43 -1.45 0.40 28.49
N ASP B 44 -1.27 -0.38 29.56
CA ASP B 44 -0.16 -0.14 30.52
C ASP B 44 1.14 -0.57 29.85
N MET B 45 2.06 0.37 29.59
CA MET B 45 3.46 0.07 29.19
C MET B 45 4.26 -0.14 30.47
N PRO B 46 4.59 -1.38 30.89
CA PRO B 46 5.10 -1.64 32.25
C PRO B 46 6.24 -0.69 32.61
N GLY B 47 6.14 -0.04 33.78
CA GLY B 47 7.13 0.89 34.39
C GLY B 47 6.99 2.30 33.84
N PHE B 48 6.07 2.55 32.89
CA PHE B 48 5.94 3.89 32.26
C PHE B 48 4.57 4.49 32.48
N GLY B 49 3.53 3.67 32.42
CA GLY B 49 2.16 4.16 32.56
C GLY B 49 1.33 3.81 31.32
N ALA B 50 0.11 4.25 31.38
CA ALA B 50 -0.96 3.91 30.44
C ALA B 50 -0.83 4.83 29.21
N VAL B 51 -0.95 4.24 28.03
CA VAL B 51 -1.02 5.06 26.79
C VAL B 51 -2.45 4.96 26.27
N ALA B 52 -3.04 6.13 26.07
CA ALA B 52 -4.41 6.27 25.57
C ALA B 52 -4.37 6.03 24.07
N SER B 53 -5.39 5.37 23.56
CA SER B 53 -5.66 5.30 22.12
C SER B 53 -7.12 5.65 21.88
N ASN B 54 -7.36 6.47 20.88
CA ASN B 54 -8.69 6.95 20.50
C ASN B 54 -9.18 6.33 19.19
N GLY B 55 -10.49 6.06 19.18
CA GLY B 55 -11.25 5.80 17.94
C GLY B 55 -12.57 6.51 18.01
N LEU B 56 -13.47 6.17 17.07
CA LEU B 56 -14.75 6.90 16.96
C LEU B 56 -15.92 5.94 16.89
N ILE B 57 -17.06 6.46 17.36
CA ILE B 57 -18.38 5.79 17.25
C ILE B 57 -19.28 6.78 16.55
N VAL B 58 -19.96 6.33 15.52
CA VAL B 58 -20.85 7.21 14.71
C VAL B 58 -22.23 6.60 14.69
N ARG B 59 -23.23 7.38 15.09
CA ARG B 59 -24.65 7.02 14.92
C ARG B 59 -25.10 7.53 13.55
N ASP B 60 -25.54 6.64 12.69
CA ASP B 60 -25.98 6.89 11.30
C ASP B 60 -27.43 6.37 11.17
N GLY B 61 -28.39 7.23 11.49
CA GLY B 61 -29.81 6.79 11.52
C GLY B 61 -30.02 5.69 12.55
N GLY B 62 -30.46 4.52 12.11
CA GLY B 62 -30.79 3.41 13.03
C GLY B 62 -29.65 2.43 13.17
N ARG B 63 -28.41 2.84 12.86
CA ARG B 63 -27.26 1.95 13.08
C ARG B 63 -26.06 2.74 13.61
N VAL B 64 -25.07 1.99 14.07
CA VAL B 64 -23.81 2.57 14.59
C VAL B 64 -22.65 2.04 13.75
N LEU B 65 -21.67 2.90 13.54
CA LEU B 65 -20.44 2.55 12.81
C LEU B 65 -19.29 2.81 13.77
N VAL B 66 -18.31 1.92 13.79
CA VAL B 66 -17.13 2.08 14.68
C VAL B 66 -15.87 2.26 13.85
N VAL B 67 -15.05 3.21 14.27
CA VAL B 67 -13.71 3.39 13.67
C VAL B 67 -12.66 3.04 14.72
N ASP B 68 -11.91 1.98 14.45
CA ASP B 68 -10.80 1.43 15.27
C ASP B 68 -11.33 0.61 16.45
N THR B 69 -10.61 -0.48 16.75
CA THR B 69 -10.86 -1.25 17.98
C THR B 69 -10.20 -0.49 19.12
N ALA B 70 -10.36 -1.01 20.33
CA ALA B 70 -9.46 -0.68 21.45
C ALA B 70 -8.21 -1.54 21.38
N TRP B 71 -7.29 -1.36 22.33
CA TRP B 71 -6.04 -2.15 22.33
C TRP B 71 -6.29 -3.64 22.44
N THR B 72 -7.31 -4.06 23.17
CA THR B 72 -7.55 -5.49 23.48
C THR B 72 -8.97 -5.90 23.11
N ASP B 73 -9.17 -7.21 23.06
CA ASP B 73 -10.53 -7.77 22.86
C ASP B 73 -11.46 -7.36 24.03
N ASP B 74 -11.01 -7.52 25.26
CA ASP B 74 -11.85 -7.15 26.44
C ASP B 74 -12.28 -5.69 26.34
N GLN B 75 -11.36 -4.79 25.99
CA GLN B 75 -11.68 -3.36 25.89
C GLN B 75 -12.65 -3.11 24.75
N THR B 76 -12.48 -3.83 23.66
CA THR B 76 -13.37 -3.68 22.50
C THR B 76 -14.79 -4.13 22.84
N ALA B 77 -14.90 -5.23 23.59
CA ALA B 77 -16.22 -5.70 24.08
C ALA B 77 -16.85 -4.64 24.95
N GLN B 78 -16.07 -3.91 25.76
CA GLN B 78 -16.64 -2.82 26.58
C GLN B 78 -17.15 -1.68 25.72
N ILE B 79 -16.46 -1.35 24.62
CA ILE B 79 -17.02 -0.38 23.65
C ILE B 79 -18.42 -0.88 23.21
N LEU B 80 -18.51 -2.12 22.78
CA LEU B 80 -19.77 -2.63 22.21
C LEU B 80 -20.87 -2.57 23.28
N ASN B 81 -20.54 -2.90 24.52
CA ASN B 81 -21.55 -2.90 25.60
C ASN B 81 -21.96 -1.47 25.96
N TRP B 82 -21.03 -0.52 25.98
CA TRP B 82 -21.40 0.89 26.15
C TRP B 82 -22.33 1.33 25.02
N ILE B 83 -22.05 0.95 23.78
CA ILE B 83 -22.95 1.33 22.66
C ILE B 83 -24.36 0.77 22.93
N LYS B 84 -24.44 -0.49 23.33
CA LYS B 84 -25.77 -1.13 23.52
C LYS B 84 -26.52 -0.35 24.64
N GLN B 85 -25.84 0.02 25.70
CA GLN B 85 -26.46 0.67 26.88
C GLN B 85 -26.84 2.10 26.52
N GLU B 86 -25.95 2.87 25.91
CA GLU B 86 -26.13 4.35 25.77
C GLU B 86 -26.83 4.70 24.46
N ILE B 87 -26.54 4.00 23.40
CA ILE B 87 -27.12 4.28 22.07
C ILE B 87 -28.23 3.31 21.74
N ASN B 88 -28.04 2.03 22.02
CA ASN B 88 -29.06 0.98 21.82
C ASN B 88 -29.48 0.94 20.36
N LEU B 89 -28.49 0.89 19.46
CA LEU B 89 -28.69 0.66 18.00
C LEU B 89 -27.66 -0.37 17.60
N PRO B 90 -27.96 -1.22 16.59
CA PRO B 90 -27.00 -2.24 16.19
C PRO B 90 -25.77 -1.61 15.52
N VAL B 91 -24.63 -2.26 15.74
CA VAL B 91 -23.36 -1.84 15.08
C VAL B 91 -23.29 -2.54 13.74
N ALA B 92 -23.37 -1.78 12.66
CA ALA B 92 -23.46 -2.33 11.29
C ALA B 92 -22.06 -2.73 10.80
N LEU B 93 -21.02 -1.96 11.13
CA LEU B 93 -19.66 -2.24 10.60
C LEU B 93 -18.63 -1.47 11.40
N ALA B 94 -17.41 -1.95 11.28
CA ALA B 94 -16.25 -1.28 11.86
C ALA B 94 -15.21 -1.16 10.77
N VAL B 95 -14.51 -0.04 10.78
CA VAL B 95 -13.33 0.13 9.89
CA VAL B 95 -13.33 0.16 9.88
C VAL B 95 -12.14 0.39 10.80
N VAL B 96 -11.04 -0.29 10.51
CA VAL B 96 -9.81 -0.12 11.33
C VAL B 96 -8.70 0.47 10.49
N THR B 97 -7.88 1.34 11.07
CA THR B 97 -7.16 2.35 10.25
C THR B 97 -5.72 1.92 9.99
N HIS B 98 -5.23 0.85 10.60
CA HIS B 98 -3.98 0.15 10.17
C HIS B 98 -3.71 -1.03 11.10
N ALA B 99 -2.79 -1.89 10.69
CA ALA B 99 -2.49 -3.15 11.37
C ALA B 99 -1.49 -2.93 12.49
N HIS B 100 -1.87 -2.24 13.53
CA HIS B 100 -1.16 -2.18 14.82
C HIS B 100 -2.15 -2.43 15.96
N GLN B 101 -1.64 -2.76 17.14
CA GLN B 101 -2.49 -3.22 18.26
C GLN B 101 -3.48 -2.16 18.72
N ASP B 102 -3.12 -0.89 18.67
CA ASP B 102 -4.05 0.15 19.18
C ASP B 102 -5.27 0.27 18.29
N LYS B 103 -5.18 -0.12 17.01
CA LYS B 103 -6.27 0.10 16.06
C LYS B 103 -6.96 -1.23 15.72
N MET B 104 -6.26 -2.36 15.86
CA MET B 104 -6.79 -3.68 15.40
CA MET B 104 -6.75 -3.67 15.38
C MET B 104 -6.64 -4.76 16.47
N GLY B 105 -6.24 -4.40 17.68
CA GLY B 105 -6.02 -5.39 18.75
C GLY B 105 -7.30 -6.10 19.15
N GLY B 106 -8.47 -5.50 18.91
CA GLY B 106 -9.78 -6.03 19.36
C GLY B 106 -10.60 -6.70 18.24
N MET B 107 -9.99 -7.09 17.12
CA MET B 107 -10.74 -7.62 15.97
C MET B 107 -11.54 -8.87 16.37
N ASP B 108 -10.94 -9.76 17.17
CA ASP B 108 -11.64 -10.98 17.63
C ASP B 108 -12.96 -10.61 18.33
N ALA B 109 -12.97 -9.54 19.12
CA ALA B 109 -14.18 -9.11 19.84
C ALA B 109 -15.23 -8.61 18.84
N LEU B 110 -14.83 -7.86 17.81
CA LEU B 110 -15.78 -7.41 16.78
C LEU B 110 -16.38 -8.63 16.08
N HIS B 111 -15.56 -9.60 15.73
CA HIS B 111 -16.02 -10.79 14.98
C HIS B 111 -16.94 -11.61 15.88
N ALA B 112 -16.59 -11.74 17.15
CA ALA B 112 -17.43 -12.51 18.12
C ALA B 112 -18.80 -11.86 18.21
N ALA B 113 -18.89 -10.55 18.05
CA ALA B 113 -20.15 -9.78 18.16
C ALA B 113 -20.92 -9.74 16.84
N GLY B 114 -20.38 -10.32 15.76
CA GLY B 114 -21.08 -10.38 14.48
C GLY B 114 -21.00 -9.08 13.73
N ILE B 115 -19.99 -8.25 13.99
CA ILE B 115 -19.83 -6.98 13.27
C ILE B 115 -19.01 -7.22 11.99
N ALA B 116 -19.45 -6.70 10.87
CA ALA B 116 -18.69 -6.76 9.60
C ALA B 116 -17.52 -5.80 9.71
N THR B 117 -16.33 -6.27 9.35
CA THR B 117 -15.09 -5.49 9.57
C THR B 117 -14.40 -5.24 8.24
N TYR B 118 -13.85 -4.05 8.15
CA TYR B 118 -13.20 -3.52 6.93
C TYR B 118 -11.85 -2.96 7.32
N ALA B 119 -10.86 -3.20 6.49
CA ALA B 119 -9.55 -2.54 6.61
C ALA B 119 -9.00 -2.38 5.21
N ASN B 120 -8.00 -1.52 5.09
CA ASN B 120 -7.16 -1.46 3.88
C ASN B 120 -6.73 -2.89 3.54
N ALA B 121 -6.80 -3.26 2.26
CA ALA B 121 -6.29 -4.56 1.77
C ALA B 121 -4.87 -4.77 2.33
N LEU B 122 -4.04 -3.74 2.33
CA LEU B 122 -2.64 -3.88 2.79
C LEU B 122 -2.62 -4.14 4.31
N SER B 123 -3.54 -3.54 5.09
CA SER B 123 -3.62 -3.86 6.52
C SER B 123 -3.90 -5.36 6.68
N ASN B 124 -4.84 -5.88 5.90
CA ASN B 124 -5.22 -7.30 6.01
C ASN B 124 -4.03 -8.19 5.59
N GLN B 125 -3.27 -7.77 4.59
CA GLN B 125 -2.12 -8.53 4.11
C GLN B 125 -1.01 -8.50 5.18
N LEU B 126 -0.80 -7.35 5.84
CA LEU B 126 0.25 -7.18 6.87
C LEU B 126 -0.18 -7.77 8.22
N ALA B 127 -1.48 -8.00 8.44
CA ALA B 127 -2.02 -8.32 9.78
C ALA B 127 -1.24 -9.47 10.40
N PRO B 128 -1.06 -10.64 9.73
CA PRO B 128 -0.36 -11.75 10.39
C PRO B 128 1.06 -11.42 10.84
N GLN B 129 1.82 -10.67 10.05
CA GLN B 129 3.18 -10.24 10.46
C GLN B 129 3.16 -9.25 11.62
N GLU B 130 2.08 -8.49 11.73
CA GLU B 130 1.91 -7.47 12.77
C GLU B 130 1.24 -8.10 13.99
N GLY B 131 0.92 -9.40 13.96
CA GLY B 131 0.27 -10.06 15.10
C GLY B 131 -1.19 -9.65 15.27
N MET B 132 -1.82 -9.16 14.21
CA MET B 132 -3.23 -8.77 14.19
C MET B 132 -4.07 -9.81 13.45
N VAL B 133 -5.33 -9.85 13.79
CA VAL B 133 -6.35 -10.61 13.05
C VAL B 133 -6.82 -9.72 11.92
N ALA B 134 -6.81 -10.23 10.71
CA ALA B 134 -7.30 -9.48 9.54
C ALA B 134 -8.80 -9.18 9.70
N ALA B 135 -9.24 -8.09 9.11
CA ALA B 135 -10.67 -7.78 8.92
C ALA B 135 -11.25 -8.74 7.88
N GLN B 136 -12.56 -8.81 7.84
CA GLN B 136 -13.29 -9.70 6.91
C GLN B 136 -13.22 -9.16 5.50
N HIS B 137 -13.15 -7.86 5.34
CA HIS B 137 -13.26 -7.23 4.02
C HIS B 137 -12.10 -6.28 3.82
N SER B 138 -11.72 -6.13 2.56
CA SER B 138 -10.58 -5.30 2.15
C SER B 138 -11.07 -4.08 1.38
N LEU B 139 -10.61 -2.92 1.83
CA LEU B 139 -10.77 -1.62 1.12
C LEU B 139 -9.61 -1.46 0.14
N THR B 140 -9.93 -0.93 -1.05
CA THR B 140 -8.91 -0.55 -2.04
C THR B 140 -9.15 0.90 -2.40
N PHE B 141 -8.13 1.50 -3.02
CA PHE B 141 -8.08 2.97 -3.16
C PHE B 141 -7.62 3.34 -4.54
N ALA B 142 -8.17 4.43 -5.02
CA ALA B 142 -7.74 5.07 -6.27
C ALA B 142 -6.37 5.72 -6.07
N ALA B 143 -5.74 6.11 -7.17
CA ALA B 143 -4.43 6.79 -7.12
C ALA B 143 -4.54 8.13 -6.39
N ASN B 144 -5.73 8.72 -6.33
CA ASN B 144 -5.98 9.99 -5.62
C ASN B 144 -6.27 9.77 -4.12
N GLY B 145 -6.25 8.54 -3.67
CA GLY B 145 -6.39 8.20 -2.24
C GLY B 145 -7.81 7.83 -1.86
N TRP B 146 -8.84 8.18 -2.63
CA TRP B 146 -10.23 7.87 -2.24
C TRP B 146 -10.53 6.39 -2.39
N VAL B 147 -11.27 5.87 -1.43
CA VAL B 147 -11.65 4.45 -1.45
C VAL B 147 -12.45 4.14 -2.73
N GLU B 148 -12.21 2.98 -3.31
CA GLU B 148 -13.03 2.49 -4.43
C GLU B 148 -14.39 2.11 -3.86
N PRO B 149 -15.50 2.78 -4.26
CA PRO B 149 -16.76 2.68 -3.53
C PRO B 149 -17.33 1.28 -3.39
N ALA B 150 -17.10 0.40 -4.35
CA ALA B 150 -17.68 -0.97 -4.26
C ALA B 150 -17.03 -1.70 -3.09
N THR B 151 -15.83 -1.29 -2.67
CA THR B 151 -15.19 -1.99 -1.52
C THR B 151 -15.62 -1.41 -0.18
N ALA B 152 -16.37 -0.32 -0.16
CA ALA B 152 -16.86 0.31 1.10
C ALA B 152 -18.38 0.45 1.02
N PRO B 153 -19.11 -0.67 0.89
CA PRO B 153 -20.56 -0.63 0.70
C PRO B 153 -21.26 -0.09 1.95
N ASN B 154 -22.22 0.81 1.73
CA ASN B 154 -23.14 1.29 2.80
C ASN B 154 -22.33 1.86 3.96
N PHE B 155 -21.29 2.62 3.69
CA PHE B 155 -20.49 3.28 4.73
C PHE B 155 -21.19 4.55 5.23
N GLY B 156 -22.35 4.92 4.68
CA GLY B 156 -23.11 6.07 5.22
C GLY B 156 -22.24 7.32 5.20
N PRO B 157 -22.08 8.02 6.33
CA PRO B 157 -21.28 9.23 6.33
C PRO B 157 -19.77 9.04 6.37
N LEU B 158 -19.28 7.80 6.43
CA LEU B 158 -17.81 7.59 6.59
C LEU B 158 -17.19 7.74 5.22
N LYS B 159 -16.29 8.69 5.10
CA LYS B 159 -15.54 8.94 3.85
C LYS B 159 -14.09 8.48 4.09
N VAL B 160 -13.70 7.39 3.45
CA VAL B 160 -12.38 6.76 3.75
C VAL B 160 -11.35 7.21 2.70
N PHE B 161 -10.22 7.70 3.17
CA PHE B 161 -9.15 8.27 2.35
C PHE B 161 -7.81 7.66 2.77
N TYR B 162 -7.09 7.14 1.80
CA TYR B 162 -5.71 6.65 1.99
C TYR B 162 -4.75 7.76 1.60
N PRO B 163 -4.02 8.35 2.57
CA PRO B 163 -3.23 9.57 2.28
C PRO B 163 -1.83 9.29 1.73
N GLY B 164 -1.46 8.00 1.72
CA GLY B 164 -0.12 7.54 1.37
C GLY B 164 0.57 7.09 2.65
N PRO B 165 1.76 6.50 2.48
CA PRO B 165 2.48 5.96 3.61
C PRO B 165 2.96 7.07 4.55
N GLY B 166 2.93 6.79 5.83
CA GLY B 166 3.38 7.76 6.82
C GLY B 166 3.72 7.05 8.11
N HIS B 167 2.79 7.04 9.03
CA HIS B 167 2.97 6.28 10.31
C HIS B 167 3.24 4.82 9.97
N THR B 168 2.44 4.29 9.04
CA THR B 168 2.69 3.00 8.40
C THR B 168 2.40 3.08 6.91
N SER B 169 2.73 2.04 6.16
CA SER B 169 2.41 2.06 4.73
C SER B 169 0.90 1.91 4.53
N ASP B 170 0.16 1.33 5.49
CA ASP B 170 -1.26 0.97 5.28
C ASP B 170 -2.22 1.98 5.92
N ASN B 171 -1.72 2.99 6.63
CA ASN B 171 -2.56 3.90 7.43
C ASN B 171 -3.65 4.54 6.56
N ILE B 172 -4.90 4.48 7.02
CA ILE B 172 -6.02 5.20 6.36
C ILE B 172 -6.67 6.18 7.34
N THR B 173 -7.47 7.07 6.76
CA THR B 173 -8.13 8.17 7.49
C THR B 173 -9.60 8.21 7.13
N VAL B 174 -10.38 8.85 7.99
CA VAL B 174 -11.85 8.82 7.81
C VAL B 174 -12.42 10.20 8.12
N GLY B 175 -13.21 10.72 7.20
CA GLY B 175 -14.01 11.92 7.45
C GLY B 175 -15.42 11.55 7.75
N ILE B 176 -16.10 12.33 8.58
CA ILE B 176 -17.54 12.07 8.87
C ILE B 176 -18.36 13.15 8.19
N ASP B 177 -19.02 12.77 7.12
CA ASP B 177 -19.90 13.66 6.35
C ASP B 177 -20.97 14.20 7.31
N GLY B 178 -21.34 15.46 7.13
CA GLY B 178 -22.38 16.12 7.94
C GLY B 178 -21.82 16.67 9.25
N THR B 179 -20.51 16.56 9.46
CA THR B 179 -19.81 17.02 10.68
C THR B 179 -18.58 17.80 10.26
N ASP B 180 -17.93 18.42 11.22
CA ASP B 180 -16.64 19.12 11.00
C ASP B 180 -15.49 18.19 11.35
N ILE B 181 -15.71 16.86 11.45
CA ILE B 181 -14.74 15.95 12.07
C ILE B 181 -14.01 15.17 10.99
N ALA B 182 -12.69 15.08 11.11
CA ALA B 182 -11.90 14.10 10.35
C ALA B 182 -10.94 13.40 11.29
N PHE B 183 -10.72 12.13 11.05
CA PHE B 183 -9.95 11.24 11.94
C PHE B 183 -8.67 10.86 11.23
N GLY B 184 -7.55 11.27 11.79
CA GLY B 184 -6.21 11.02 11.23
C GLY B 184 -5.54 9.80 11.81
N GLY B 185 -6.15 9.17 12.82
CA GLY B 185 -5.53 8.01 13.47
C GLY B 185 -4.15 8.34 13.95
N CYS B 186 -3.18 7.45 13.69
CA CYS B 186 -1.83 7.61 14.25
C CYS B 186 -0.96 8.44 13.31
N LEU B 187 -1.47 8.78 12.13
CA LEU B 187 -0.72 9.62 11.19
C LEU B 187 -0.54 11.01 11.77
N ILE B 188 -1.59 11.54 12.38
CA ILE B 188 -1.59 12.94 12.89
C ILE B 188 -1.31 12.95 14.39
N LYS B 189 -0.41 13.84 14.79
CA LYS B 189 -0.11 14.12 16.20
C LYS B 189 -0.58 15.54 16.55
N ASP B 190 -0.75 15.81 17.82
CA ASP B 190 -1.34 17.11 18.19
C ASP B 190 -0.33 18.24 17.96
N SER B 191 -0.85 19.44 18.01
CA SER B 191 -0.08 20.63 17.55
C SER B 191 0.98 21.06 18.56
N LYS B 192 1.03 20.44 19.75
CA LYS B 192 2.12 20.71 20.71
C LYS B 192 3.09 19.55 20.78
N ALA B 193 2.92 18.52 19.94
CA ALA B 193 3.72 17.28 20.03
C ALA B 193 5.20 17.61 19.81
N LYS B 194 6.07 16.96 20.58
CA LYS B 194 7.53 17.08 20.39
C LYS B 194 8.02 15.96 19.48
N SER B 195 7.19 14.96 19.18
CA SER B 195 7.65 13.89 18.26
C SER B 195 6.47 13.28 17.54
N LEU B 196 6.77 12.46 16.53
CA LEU B 196 5.75 11.72 15.76
C LEU B 196 5.50 10.34 16.38
N GLY B 197 5.92 10.09 17.63
CA GLY B 197 5.46 8.87 18.33
C GLY B 197 6.09 7.61 17.74
N ASN B 198 5.32 6.53 17.52
CA ASN B 198 5.89 5.24 17.05
C ASN B 198 6.25 5.40 15.55
N LEU B 199 7.54 5.55 15.23
CA LEU B 199 8.05 5.61 13.82
C LEU B 199 8.65 4.28 13.39
N GLY B 200 8.49 3.23 14.21
CA GLY B 200 9.10 1.91 13.90
C GLY B 200 8.75 1.38 12.54
N ASP B 201 7.53 1.64 12.05
CA ASP B 201 7.03 1.09 10.77
C ASP B 201 6.84 2.24 9.77
N ALA B 202 7.36 3.41 10.07
CA ALA B 202 7.02 4.66 9.35
C ALA B 202 7.78 4.73 8.02
N ASP B 203 7.17 5.47 7.10
CA ASP B 203 7.80 5.86 5.83
C ASP B 203 8.28 7.29 6.05
N THR B 204 9.56 7.48 6.33
CA THR B 204 10.06 8.81 6.74
C THR B 204 10.11 9.73 5.51
N GLU B 205 10.28 9.18 4.32
CA GLU B 205 10.33 10.00 3.10
C GLU B 205 8.96 10.61 2.85
N HIS B 206 7.91 9.80 2.89
CA HIS B 206 6.59 10.24 2.34
C HIS B 206 5.67 10.81 3.42
N TYR B 207 6.05 10.69 4.70
CA TYR B 207 5.18 11.05 5.84
C TYR B 207 4.61 12.46 5.68
N ALA B 208 5.48 13.45 5.44
CA ALA B 208 5.00 14.84 5.38
C ALA B 208 3.94 15.00 4.30
N ALA B 209 4.15 14.46 3.11
CA ALA B 209 3.19 14.58 2.00
C ALA B 209 1.89 13.86 2.36
N SER B 210 1.99 12.73 3.04
CA SER B 210 0.79 11.98 3.47
CA SER B 210 0.80 11.95 3.50
C SER B 210 -0.03 12.78 4.47
N ALA B 211 0.61 13.41 5.45
CA ALA B 211 -0.11 14.28 6.39
C ALA B 211 -0.79 15.41 5.63
N ARG B 212 -0.09 16.06 4.71
CA ARG B 212 -0.70 17.18 3.98
C ARG B 212 -1.85 16.67 3.10
N ALA B 213 -1.73 15.45 2.56
CA ALA B 213 -2.78 14.87 1.70
C ALA B 213 -4.05 14.66 2.54
N PHE B 214 -3.90 14.18 3.76
CA PHE B 214 -5.04 14.06 4.70
C PHE B 214 -5.73 15.40 4.85
N GLY B 215 -4.95 16.47 5.08
CA GLY B 215 -5.53 17.80 5.25
C GLY B 215 -6.27 18.25 4.00
N ALA B 216 -5.74 17.98 2.80
CA ALA B 216 -6.37 18.37 1.54
C ALA B 216 -7.60 17.53 1.22
N ALA B 217 -7.65 16.27 1.71
CA ALA B 217 -8.80 15.37 1.47
C ALA B 217 -10.04 15.87 2.23
N PHE B 218 -9.81 16.46 3.38
CA PHE B 218 -10.90 16.93 4.27
C PHE B 218 -10.68 18.41 4.59
N PRO B 219 -10.75 19.26 3.56
CA PRO B 219 -10.28 20.64 3.71
C PRO B 219 -11.12 21.52 4.62
N LYS B 220 -12.35 21.11 4.88
CA LYS B 220 -13.26 21.91 5.73
C LYS B 220 -13.34 21.32 7.13
N ALA B 221 -12.68 20.19 7.42
CA ALA B 221 -12.71 19.60 8.77
C ALA B 221 -12.05 20.59 9.73
N SER B 222 -12.72 20.94 10.82
CA SER B 222 -12.11 21.83 11.83
C SER B 222 -11.78 21.11 13.12
N MET B 223 -12.30 19.91 13.32
CA MET B 223 -12.03 19.07 14.51
C MET B 223 -11.26 17.84 14.01
N ILE B 224 -10.01 17.80 14.35
CA ILE B 224 -9.12 16.70 13.90
C ILE B 224 -8.93 15.74 15.07
N VAL B 225 -9.46 14.54 14.91
CA VAL B 225 -9.38 13.46 15.93
C VAL B 225 -8.18 12.59 15.59
N MET B 226 -7.43 12.17 16.57
CA MET B 226 -6.21 11.40 16.37
C MET B 226 -6.08 10.35 17.46
N SER B 227 -5.14 9.43 17.28
CA SER B 227 -5.04 8.25 18.16
C SER B 227 -4.59 8.63 19.56
N HIS B 228 -3.68 9.59 19.76
CA HIS B 228 -2.95 9.64 21.05
C HIS B 228 -3.02 11.02 21.69
N SER B 229 -3.93 11.86 21.24
CA SER B 229 -4.17 13.18 21.86
C SER B 229 -5.64 13.46 21.79
N ALA B 230 -6.10 14.43 22.56
CA ALA B 230 -7.49 14.90 22.46
C ALA B 230 -7.65 15.61 21.12
N PRO B 231 -8.88 15.79 20.65
CA PRO B 231 -9.10 16.45 19.36
C PRO B 231 -8.48 17.85 19.33
N ASP B 232 -7.97 18.19 18.17
CA ASP B 232 -7.28 19.48 17.96
C ASP B 232 -7.88 20.17 16.75
N SER B 233 -7.44 21.38 16.52
CA SER B 233 -7.72 22.13 15.29
C SER B 233 -6.88 21.57 14.12
N ARG B 234 -7.01 22.20 12.98
CA ARG B 234 -6.19 21.84 11.79
C ARG B 234 -4.73 22.13 12.06
N ALA B 235 -4.38 22.89 13.11
CA ALA B 235 -2.97 23.06 13.49
C ALA B 235 -2.27 21.71 13.62
N ALA B 236 -2.96 20.65 14.09
CA ALA B 236 -2.35 19.33 14.26
C ALA B 236 -1.80 18.85 12.90
N ILE B 237 -2.51 19.13 11.81
CA ILE B 237 -2.07 18.65 10.47
C ILE B 237 -0.77 19.33 10.11
N THR B 238 -0.77 20.67 10.17
CA THR B 238 0.39 21.44 9.69
C THR B 238 1.57 21.21 10.62
N HIS B 239 1.34 21.05 11.92
CA HIS B 239 2.43 20.76 12.87
C HIS B 239 3.01 19.37 12.59
N THR B 240 2.15 18.37 12.39
CA THR B 240 2.62 17.03 12.05
C THR B 240 3.48 17.11 10.79
N ALA B 241 3.01 17.78 9.73
CA ALA B 241 3.74 17.80 8.46
C ALA B 241 5.09 18.49 8.64
N ARG B 242 5.13 19.55 9.45
CA ARG B 242 6.39 20.28 9.77
C ARG B 242 7.37 19.35 10.47
N MET B 243 6.92 18.55 11.43
CA MET B 243 7.83 17.63 12.12
C MET B 243 8.29 16.59 11.10
N ALA B 244 7.37 16.12 10.26
CA ALA B 244 7.67 15.05 9.30
C ALA B 244 8.69 15.55 8.27
N ASP B 245 8.65 16.83 7.93
CA ASP B 245 9.62 17.39 6.95
C ASP B 245 11.05 17.17 7.45
N LYS B 246 11.24 17.14 8.76
CA LYS B 246 12.58 17.01 9.41
C LYS B 246 13.07 15.57 9.35
N LEU B 247 12.24 14.61 8.97
CA LEU B 247 12.69 13.22 8.77
C LEU B 247 13.37 13.16 7.40
N PRO C 2 11.18 2.41 25.77
CA PRO C 2 11.38 1.40 24.72
C PRO C 2 10.11 0.94 24.04
N GLU C 5 4.74 3.03 21.23
CA GLU C 5 3.42 3.67 21.25
C GLU C 5 3.38 4.72 22.35
#